data_8D0I
#
_entry.id   8D0I
#
_cell.length_a   33.273
_cell.length_b   78.797
_cell.length_c   116.975
_cell.angle_alpha   90.000
_cell.angle_beta   90.000
_cell.angle_gamma   90.000
#
_symmetry.space_group_name_H-M   'P 21 21 21'
#
loop_
_entity.id
_entity.type
_entity.pdbx_description
1 polymer 'NAD(+) hydrolase SARM1'
2 non-polymer '[[(2~{R},3~{S},4~{R},5~{R})-5-imidazo[2,1-f]purin-3-yl-3,4-bis(oxidanyl)oxolan-2-yl]methoxy-oxidanyl-phosphoryl] [(2~{R},3~{S},4~{R},5~{R})-5-[4-[(1~{S})-1-[methyl-[2,2,2-tris(fluoranyl)ethylcarbamoyl]amino]ethyl]pyridin-1-yl]-3,4-bis(oxidanyl)oxolan-2-yl]methyl hydrogen phosphate'
3 water water
#
_entity_poly.entity_id   1
_entity_poly.type   'polypeptide(L)'
_entity_poly.pdbx_seq_one_letter_code
;SGDTPDVFISYRRNSGSQLASLLKVHLQLHGFSVFIDVEKLEAGKFEDKLIQSVMGARNFVLVLSPGALDKCMQDHDCKD
WVHKEIVTALSCGKNIVPIIDGFEWPEPQVLPEDMQAVLTFNGIKWSHEYQEATIEKIIRFLQ
;
_entity_poly.pdbx_strand_id   A,B
#
# COMPACT_ATOMS: atom_id res chain seq x y z
N THR A 4 -10.02 -22.97 7.22
CA THR A 4 -9.05 -22.11 7.87
C THR A 4 -8.09 -21.47 6.87
N PRO A 5 -7.84 -20.16 7.04
CA PRO A 5 -6.84 -19.48 6.21
C PRO A 5 -5.45 -20.11 6.34
N ASP A 6 -4.70 -20.06 5.24
CA ASP A 6 -3.31 -20.51 5.22
C ASP A 6 -2.33 -19.45 5.67
N VAL A 7 -2.69 -18.17 5.56
CA VAL A 7 -1.81 -17.04 5.83
C VAL A 7 -2.55 -16.09 6.77
N PHE A 8 -1.90 -15.72 7.88
CA PHE A 8 -2.34 -14.62 8.75
C PHE A 8 -1.40 -13.43 8.53
N ILE A 9 -1.98 -12.24 8.33
CA ILE A 9 -1.20 -11.01 8.13
C ILE A 9 -1.33 -10.12 9.36
N SER A 10 -0.20 -9.87 10.02
CA SER A 10 -0.08 -9.02 11.20
C SER A 10 0.62 -7.73 10.78
N TYR A 11 0.05 -6.57 11.16
CA TYR A 11 0.50 -5.28 10.63
C TYR A 11 0.06 -4.14 11.55
N ARG A 12 0.54 -2.92 11.25
CA ARG A 12 0.11 -1.72 11.95
C ARG A 12 -0.83 -0.89 11.07
N ARG A 13 -1.98 -0.49 11.62
CA ARG A 13 -2.90 0.36 10.88
C ARG A 13 -2.23 1.65 10.42
N ASN A 14 -1.38 2.24 11.26
CA ASN A 14 -0.89 3.59 11.01
C ASN A 14 0.19 3.66 9.94
N SER A 15 0.94 2.58 9.73
CA SER A 15 2.09 2.60 8.83
C SER A 15 2.15 1.45 7.85
N GLY A 16 1.32 0.44 7.99
CA GLY A 16 1.46 -0.76 7.17
C GLY A 16 0.18 -1.21 6.51
N SER A 17 -0.89 -0.43 6.66
N SER A 17 -0.90 -0.44 6.63
CA SER A 17 -2.20 -0.80 6.12
CA SER A 17 -2.20 -0.90 6.11
C SER A 17 -2.12 -1.12 4.63
C SER A 17 -2.15 -1.13 4.60
N GLN A 18 -1.47 -0.26 3.84
CA GLN A 18 -1.50 -0.40 2.40
C GLN A 18 -0.67 -1.60 1.94
N LEU A 19 0.54 -1.74 2.51
CA LEU A 19 1.36 -2.92 2.21
C LEU A 19 0.66 -4.22 2.60
N ALA A 20 0.08 -4.26 3.81
CA ALA A 20 -0.67 -5.44 4.22
C ALA A 20 -1.78 -5.77 3.22
N SER A 21 -2.48 -4.75 2.72
CA SER A 21 -3.54 -4.99 1.73
C SER A 21 -2.97 -5.45 0.39
N LEU A 22 -1.88 -4.83 -0.06
CA LEU A 22 -1.23 -5.27 -1.30
C LEU A 22 -0.81 -6.73 -1.21
N LEU A 23 -0.21 -7.13 -0.07
CA LEU A 23 0.23 -8.52 0.09
C LEU A 23 -0.95 -9.48 0.03
N LYS A 24 -2.06 -9.11 0.67
CA LYS A 24 -3.24 -9.98 0.67
C LYS A 24 -3.73 -10.28 -0.75
N VAL A 25 -3.86 -9.27 -1.60
CA VAL A 25 -4.35 -9.49 -2.96
C VAL A 25 -3.39 -10.39 -3.74
N HIS A 26 -2.09 -10.06 -3.72
CA HIS A 26 -1.11 -10.89 -4.41
C HIS A 26 -1.17 -12.35 -3.95
N LEU A 27 -1.22 -12.57 -2.63
CA LEU A 27 -1.24 -13.95 -2.17
C LEU A 27 -2.57 -14.64 -2.53
N GLN A 28 -3.68 -13.92 -2.46
CA GLN A 28 -4.94 -14.50 -2.91
C GLN A 28 -4.90 -14.84 -4.39
N LEU A 29 -4.25 -14.00 -5.21
CA LEU A 29 -4.14 -14.29 -6.63
C LEU A 29 -3.41 -15.60 -6.88
N HIS A 30 -2.55 -16.01 -5.97
CA HIS A 30 -1.80 -17.25 -6.11
C HIS A 30 -2.45 -18.43 -5.39
N GLY A 31 -3.71 -18.29 -4.99
CA GLY A 31 -4.43 -19.42 -4.44
C GLY A 31 -4.36 -19.61 -2.94
N PHE A 32 -3.74 -18.69 -2.20
CA PHE A 32 -3.68 -18.79 -0.76
C PHE A 32 -4.93 -18.17 -0.14
N SER A 33 -5.41 -18.77 0.96
N SER A 33 -5.41 -18.77 0.96
CA SER A 33 -6.45 -18.16 1.77
CA SER A 33 -6.45 -18.16 1.76
C SER A 33 -5.79 -17.28 2.82
C SER A 33 -5.79 -17.28 2.82
N VAL A 34 -6.26 -16.04 2.94
CA VAL A 34 -5.59 -15.01 3.72
C VAL A 34 -6.52 -14.45 4.78
N PHE A 35 -6.03 -14.35 6.02
CA PHE A 35 -6.68 -13.54 7.06
C PHE A 35 -6.07 -12.14 7.13
N ILE A 36 -6.92 -11.12 7.05
CA ILE A 36 -6.57 -9.77 7.48
C ILE A 36 -7.77 -9.22 8.26
N ASP A 37 -7.49 -8.48 9.35
CA ASP A 37 -8.55 -8.19 10.33
C ASP A 37 -9.75 -7.51 9.69
N VAL A 38 -9.53 -6.45 8.90
CA VAL A 38 -10.64 -5.62 8.45
C VAL A 38 -11.58 -6.34 7.48
N GLU A 39 -11.18 -7.50 6.95
CA GLU A 39 -12.05 -8.27 6.07
C GLU A 39 -12.48 -9.60 6.63
N LYS A 40 -11.65 -10.28 7.43
CA LYS A 40 -11.98 -11.64 7.87
C LYS A 40 -12.34 -11.77 9.34
N LEU A 41 -12.11 -10.77 10.18
CA LEU A 41 -12.49 -10.88 11.59
C LEU A 41 -13.99 -10.65 11.69
N GLU A 42 -14.75 -11.69 12.06
CA GLU A 42 -16.20 -11.52 12.07
C GLU A 42 -16.74 -11.46 13.50
N ALA A 43 -17.91 -12.03 13.78
CA ALA A 43 -18.65 -11.68 14.98
C ALA A 43 -18.15 -12.46 16.20
N GLY A 44 -18.31 -11.86 17.39
CA GLY A 44 -17.95 -12.48 18.65
C GLY A 44 -16.83 -11.75 19.35
N LYS A 45 -16.33 -12.35 20.43
CA LYS A 45 -15.26 -11.75 21.22
C LYS A 45 -13.95 -11.75 20.43
N PHE A 46 -13.46 -10.56 20.07
CA PHE A 46 -12.33 -10.49 19.14
C PHE A 46 -11.03 -10.99 19.76
N GLU A 47 -10.89 -10.97 21.08
CA GLU A 47 -9.68 -11.53 21.69
C GLU A 47 -9.56 -13.02 21.38
N ASP A 48 -10.64 -13.77 21.59
CA ASP A 48 -10.66 -15.19 21.22
C ASP A 48 -10.49 -15.37 19.71
N LYS A 49 -11.28 -14.66 18.91
CA LYS A 49 -11.27 -14.92 17.47
C LYS A 49 -9.93 -14.56 16.84
N LEU A 50 -9.31 -13.46 17.28
CA LEU A 50 -8.02 -13.08 16.71
C LEU A 50 -6.95 -14.15 17.01
N ILE A 51 -6.93 -14.66 18.23
CA ILE A 51 -5.91 -15.66 18.62
C ILE A 51 -6.15 -16.98 17.89
N GLN A 52 -7.41 -17.41 17.81
CA GLN A 52 -7.73 -18.63 17.05
C GLN A 52 -7.25 -18.54 15.61
N SER A 53 -7.40 -17.37 14.97
CA SER A 53 -7.00 -17.23 13.58
C SER A 53 -5.49 -17.31 13.41
N VAL A 54 -4.73 -16.81 14.38
CA VAL A 54 -3.29 -17.03 14.34
C VAL A 54 -2.98 -18.51 14.54
N MET A 55 -3.68 -19.16 15.47
CA MET A 55 -3.46 -20.59 15.74
C MET A 55 -3.79 -21.45 14.53
N GLY A 56 -4.76 -21.02 13.71
CA GLY A 56 -5.24 -21.82 12.59
C GLY A 56 -4.44 -21.69 11.31
N ALA A 57 -3.57 -20.69 11.21
CA ALA A 57 -2.87 -20.39 9.96
C ALA A 57 -1.44 -20.93 9.98
N ARG A 58 -1.08 -21.73 8.98
CA ARG A 58 0.27 -22.29 8.92
C ARG A 58 1.33 -21.19 8.77
N ASN A 59 1.05 -20.17 7.94
CA ASN A 59 1.98 -19.09 7.68
C ASN A 59 1.56 -17.81 8.41
N PHE A 60 2.55 -17.08 8.92
CA PHE A 60 2.34 -15.83 9.65
C PHE A 60 3.21 -14.76 9.01
N VAL A 61 2.59 -13.87 8.22
CA VAL A 61 3.30 -12.80 7.52
C VAL A 61 3.25 -11.54 8.38
N LEU A 62 4.41 -11.03 8.76
CA LEU A 62 4.51 -9.91 9.69
C LEU A 62 5.05 -8.69 8.94
N VAL A 63 4.24 -7.64 8.86
CA VAL A 63 4.60 -6.46 8.05
C VAL A 63 5.41 -5.50 8.90
N LEU A 64 6.71 -5.42 8.65
CA LEU A 64 7.60 -4.58 9.45
C LEU A 64 7.81 -3.26 8.71
N SER A 65 6.83 -2.39 8.85
CA SER A 65 6.91 -1.02 8.36
C SER A 65 7.73 -0.21 9.36
N PRO A 66 8.08 1.03 9.04
CA PRO A 66 8.92 1.83 9.97
C PRO A 66 8.26 1.93 11.34
N GLY A 67 8.99 1.53 12.37
CA GLY A 67 8.53 1.60 13.75
C GLY A 67 7.45 0.63 14.14
N ALA A 68 7.31 -0.49 13.42
CA ALA A 68 6.16 -1.37 13.63
C ALA A 68 6.15 -2.05 15.00
N LEU A 69 7.30 -2.20 15.67
CA LEU A 69 7.35 -2.81 16.99
C LEU A 69 7.46 -1.80 18.14
N ASP A 70 7.40 -0.49 17.86
CA ASP A 70 7.56 0.52 18.91
C ASP A 70 6.55 0.33 20.04
N LYS A 71 5.27 0.10 19.70
CA LYS A 71 4.25 -0.10 20.71
C LYS A 71 4.42 -1.41 21.48
N CYS A 72 5.29 -2.32 21.01
CA CYS A 72 5.55 -3.56 21.74
C CYS A 72 6.55 -3.34 22.86
N MET A 73 7.50 -2.43 22.64
CA MET A 73 8.47 -2.11 23.68
C MET A 73 7.72 -1.47 24.84
N GLN A 74 8.04 -1.91 26.06
CA GLN A 74 7.38 -1.48 27.29
C GLN A 74 5.99 -2.07 27.49
N ASP A 75 5.54 -2.99 26.63
CA ASP A 75 4.23 -3.62 26.79
C ASP A 75 4.34 -4.91 27.59
N HIS A 76 4.74 -4.76 28.85
CA HIS A 76 5.09 -5.94 29.63
C HIS A 76 3.87 -6.74 30.08
N ASP A 77 2.67 -6.15 30.07
CA ASP A 77 1.44 -6.90 30.34
C ASP A 77 0.77 -7.43 29.08
N CYS A 78 1.45 -7.31 27.93
CA CYS A 78 1.06 -7.93 26.67
C CYS A 78 -0.36 -7.51 26.27
N LYS A 79 -0.60 -6.19 26.24
CA LYS A 79 -1.87 -5.63 25.82
C LYS A 79 -1.87 -5.20 24.35
N ASP A 80 -0.70 -5.06 23.74
CA ASP A 80 -0.61 -4.63 22.35
C ASP A 80 -0.89 -5.79 21.41
N TRP A 81 -1.66 -5.53 20.35
CA TRP A 81 -2.17 -6.63 19.54
C TRP A 81 -1.12 -7.25 18.63
N VAL A 82 -0.19 -6.46 18.09
CA VAL A 82 0.89 -7.09 17.33
C VAL A 82 1.76 -7.92 18.26
N HIS A 83 2.00 -7.42 19.48
CA HIS A 83 2.69 -8.22 20.49
C HIS A 83 1.98 -9.55 20.74
N LYS A 84 0.66 -9.51 20.95
CA LYS A 84 -0.09 -10.75 21.21
C LYS A 84 -0.05 -11.70 20.02
N GLU A 85 -0.15 -11.16 18.80
CA GLU A 85 -0.15 -12.01 17.61
C GLU A 85 1.20 -12.68 17.44
N ILE A 86 2.29 -11.95 17.68
CA ILE A 86 3.63 -12.53 17.54
C ILE A 86 3.85 -13.65 18.55
N VAL A 87 3.43 -13.43 19.80
CA VAL A 87 3.63 -14.46 20.83
C VAL A 87 2.87 -15.72 20.48
N THR A 88 1.63 -15.57 19.99
CA THR A 88 0.85 -16.75 19.61
C THR A 88 1.55 -17.49 18.46
N ALA A 89 2.06 -16.74 17.49
CA ALA A 89 2.73 -17.39 16.35
C ALA A 89 3.99 -18.13 16.81
N LEU A 90 4.77 -17.51 17.69
CA LEU A 90 5.98 -18.18 18.19
C LEU A 90 5.63 -19.41 19.02
N SER A 91 4.64 -19.29 19.91
N SER A 91 4.63 -19.30 19.89
CA SER A 91 4.27 -20.42 20.75
CA SER A 91 4.25 -20.40 20.77
C SER A 91 3.77 -21.59 19.93
C SER A 91 3.61 -21.55 20.00
N CYS A 92 3.16 -21.32 18.78
CA CYS A 92 2.55 -22.35 17.96
C CYS A 92 3.51 -22.86 16.87
N GLY A 93 4.77 -22.40 16.90
CA GLY A 93 5.73 -22.83 15.89
C GLY A 93 5.36 -22.52 14.45
N LYS A 94 4.73 -21.37 14.19
CA LYS A 94 4.27 -21.06 12.84
C LYS A 94 5.44 -20.67 11.93
N ASN A 95 5.20 -20.74 10.63
CA ASN A 95 6.16 -20.32 9.61
C ASN A 95 6.09 -18.80 9.55
N ILE A 96 6.93 -18.16 10.36
CA ILE A 96 6.93 -16.70 10.46
C ILE A 96 7.76 -16.10 9.34
N VAL A 97 7.16 -15.20 8.56
CA VAL A 97 7.80 -14.56 7.42
C VAL A 97 7.73 -13.04 7.55
N PRO A 98 8.77 -12.39 8.08
CA PRO A 98 8.77 -10.91 8.15
C PRO A 98 9.04 -10.24 6.81
N ILE A 99 8.32 -9.15 6.55
CA ILE A 99 8.47 -8.33 5.34
C ILE A 99 9.02 -6.98 5.76
N ILE A 100 10.20 -6.63 5.27
CA ILE A 100 10.97 -5.47 5.73
C ILE A 100 10.69 -4.29 4.80
N ASP A 101 10.03 -3.25 5.31
CA ASP A 101 9.71 -2.06 4.50
C ASP A 101 10.17 -0.81 5.26
N GLY A 102 11.46 -0.49 5.16
CA GLY A 102 12.00 0.66 5.86
C GLY A 102 12.17 0.47 7.35
N PHE A 103 12.22 -0.77 7.81
CA PHE A 103 12.27 -1.11 9.23
C PHE A 103 13.71 -1.04 9.74
N GLU A 104 13.90 -0.46 10.93
CA GLU A 104 15.19 -0.47 11.61
C GLU A 104 15.24 -1.59 12.64
N TRP A 105 16.24 -2.44 12.55
CA TRP A 105 16.30 -3.60 13.45
C TRP A 105 16.62 -3.16 14.87
N PRO A 106 15.78 -3.47 15.85
CA PRO A 106 16.12 -3.14 17.24
C PRO A 106 17.05 -4.19 17.84
N GLU A 107 17.70 -3.81 18.93
CA GLU A 107 18.40 -4.82 19.71
C GLU A 107 17.39 -5.61 20.55
N PRO A 108 17.60 -6.92 20.74
CA PRO A 108 16.60 -7.71 21.46
C PRO A 108 16.28 -7.21 22.86
N GLN A 109 17.23 -6.57 23.54
CA GLN A 109 17.01 -6.12 24.91
C GLN A 109 15.97 -5.02 25.04
N VAL A 110 15.56 -4.36 23.95
CA VAL A 110 14.48 -3.37 24.04
C VAL A 110 13.09 -3.97 23.89
N LEU A 111 12.97 -5.27 23.56
CA LEU A 111 11.72 -5.99 23.34
C LEU A 111 11.41 -6.90 24.51
N PRO A 112 10.12 -7.10 24.83
CA PRO A 112 9.77 -8.07 25.89
C PRO A 112 10.32 -9.45 25.57
N GLU A 113 10.67 -10.18 26.64
CA GLU A 113 11.32 -11.48 26.50
C GLU A 113 10.50 -12.44 25.65
N ASP A 114 9.17 -12.44 25.82
CA ASP A 114 8.37 -13.46 25.14
C ASP A 114 8.25 -13.23 23.65
N MET A 115 8.85 -12.17 23.09
CA MET A 115 8.82 -11.99 21.65
C MET A 115 10.17 -11.69 21.04
N GLN A 116 11.26 -11.71 21.82
CA GLN A 116 12.58 -11.45 21.24
C GLN A 116 12.93 -12.43 20.13
N ALA A 117 12.38 -13.66 20.19
CA ALA A 117 12.71 -14.69 19.19
C ALA A 117 12.23 -14.32 17.79
N VAL A 118 11.32 -13.35 17.67
CA VAL A 118 10.86 -12.95 16.33
C VAL A 118 12.03 -12.42 15.50
N LEU A 119 13.07 -11.89 16.16
CA LEU A 119 14.22 -11.34 15.46
C LEU A 119 15.14 -12.41 14.89
N THR A 120 14.84 -13.69 15.11
CA THR A 120 15.69 -14.75 14.61
C THR A 120 15.18 -15.38 13.32
N PHE A 121 14.08 -14.87 12.76
CA PHE A 121 13.55 -15.40 11.51
C PHE A 121 14.06 -14.58 10.33
N ASN A 122 14.33 -15.27 9.22
CA ASN A 122 14.82 -14.59 8.03
C ASN A 122 13.70 -13.78 7.38
N GLY A 123 14.00 -12.53 7.04
CA GLY A 123 13.03 -11.63 6.44
C GLY A 123 13.28 -11.43 4.96
N ILE A 124 12.29 -10.80 4.30
CA ILE A 124 12.33 -10.46 2.89
C ILE A 124 12.27 -8.94 2.76
N LYS A 125 13.23 -8.37 2.04
CA LYS A 125 13.20 -6.93 1.79
C LYS A 125 12.15 -6.61 0.73
N TRP A 126 11.30 -5.62 1.02
CA TRP A 126 10.32 -5.17 0.04
C TRP A 126 10.97 -4.17 -0.90
N SER A 127 10.85 -4.40 -2.21
CA SER A 127 11.40 -3.52 -3.24
C SER A 127 10.28 -2.93 -4.09
N HIS A 128 10.08 -1.61 -4.00
CA HIS A 128 9.08 -0.95 -4.82
C HIS A 128 9.37 -1.12 -6.30
N GLU A 129 10.64 -1.07 -6.69
CA GLU A 129 11.04 -1.19 -8.09
C GLU A 129 10.89 -2.61 -8.62
N TYR A 130 11.09 -3.62 -7.76
CA TYR A 130 11.02 -5.01 -8.21
C TYR A 130 9.96 -5.76 -7.41
N GLN A 131 8.71 -5.29 -7.49
CA GLN A 131 7.65 -5.85 -6.67
C GLN A 131 7.30 -7.27 -7.09
N GLU A 132 7.35 -7.55 -8.39
CA GLU A 132 6.97 -8.89 -8.84
C GLU A 132 7.96 -9.94 -8.34
N ALA A 133 9.26 -9.58 -8.32
CA ALA A 133 10.26 -10.49 -7.76
C ALA A 133 10.08 -10.66 -6.26
N THR A 134 9.74 -9.58 -5.55
CA THR A 134 9.50 -9.69 -4.11
C THR A 134 8.38 -10.69 -3.83
N ILE A 135 7.27 -10.58 -4.57
CA ILE A 135 6.13 -11.46 -4.35
C ILE A 135 6.48 -12.92 -4.65
N GLU A 136 7.26 -13.17 -5.71
CA GLU A 136 7.63 -14.54 -6.04
C GLU A 136 8.49 -15.15 -4.93
N LYS A 137 9.41 -14.35 -4.36
CA LYS A 137 10.20 -14.82 -3.22
C LYS A 137 9.31 -15.13 -2.01
N ILE A 138 8.34 -14.25 -1.72
CA ILE A 138 7.45 -14.50 -0.59
C ILE A 138 6.71 -15.83 -0.78
N ILE A 139 6.18 -16.05 -1.98
CA ILE A 139 5.50 -17.31 -2.24
C ILE A 139 6.43 -18.50 -2.04
N ARG A 140 7.70 -18.35 -2.41
CA ARG A 140 8.67 -19.42 -2.18
C ARG A 140 8.86 -19.72 -0.69
N PHE A 141 8.76 -18.70 0.18
CA PHE A 141 8.90 -18.93 1.61
C PHE A 141 7.66 -19.59 2.21
N LEU A 142 6.50 -19.50 1.56
CA LEU A 142 5.26 -19.97 2.17
C LEU A 142 5.10 -21.49 2.05
N GLN A 143 4.39 -22.06 3.03
CA GLN A 143 4.09 -23.50 3.02
C GLN A 143 2.61 -23.76 2.75
N THR B 4 -0.67 1.05 -25.84
CA THR B 4 -0.94 2.29 -25.12
C THR B 4 -1.76 2.04 -23.85
N PRO B 5 -1.21 2.40 -22.70
CA PRO B 5 -1.93 2.22 -21.43
C PRO B 5 -3.25 2.97 -21.39
N ASP B 6 -4.24 2.35 -20.75
CA ASP B 6 -5.56 2.93 -20.52
C ASP B 6 -5.58 3.90 -19.33
N VAL B 7 -4.67 3.71 -18.38
CA VAL B 7 -4.68 4.39 -17.08
C VAL B 7 -3.26 4.85 -16.78
N PHE B 8 -3.10 6.11 -16.37
CA PHE B 8 -1.87 6.63 -15.79
C PHE B 8 -2.09 6.90 -14.30
N ILE B 9 -1.20 6.34 -13.46
CA ILE B 9 -1.23 6.57 -12.01
C ILE B 9 -0.12 7.54 -11.65
N SER B 10 -0.50 8.69 -11.10
CA SER B 10 0.44 9.69 -10.61
C SER B 10 0.37 9.71 -9.08
N TYR B 11 1.52 9.79 -8.42
CA TYR B 11 1.58 9.56 -6.97
C TYR B 11 2.90 10.09 -6.41
N ARG B 12 2.98 10.12 -5.07
CA ARG B 12 4.19 10.50 -4.34
C ARG B 12 4.90 9.26 -3.81
N ARG B 13 6.17 9.09 -4.19
CA ARG B 13 6.95 7.92 -3.74
C ARG B 13 6.90 7.78 -2.22
N ASN B 14 7.14 8.86 -1.48
CA ASN B 14 7.38 8.75 -0.05
C ASN B 14 6.12 8.63 0.81
N SER B 15 4.93 8.76 0.22
CA SER B 15 3.70 8.56 0.99
C SER B 15 2.60 7.83 0.25
N GLY B 16 2.73 7.58 -1.06
CA GLY B 16 1.66 6.94 -1.83
C GLY B 16 2.08 5.71 -2.62
N SER B 17 3.32 5.26 -2.43
N SER B 17 3.32 5.25 -2.44
CA SER B 17 3.86 4.17 -3.26
CA SER B 17 3.82 4.17 -3.30
C SER B 17 3.03 2.89 -3.11
C SER B 17 3.03 2.88 -3.12
N GLN B 18 2.65 2.55 -1.88
CA GLN B 18 1.96 1.28 -1.65
C GLN B 18 0.53 1.32 -2.19
N LEU B 19 -0.19 2.42 -1.95
CA LEU B 19 -1.54 2.57 -2.52
C LEU B 19 -1.53 2.58 -4.04
N ALA B 20 -0.58 3.31 -4.64
CA ALA B 20 -0.51 3.32 -6.10
C ALA B 20 -0.27 1.91 -6.64
N SER B 21 0.58 1.12 -5.97
CA SER B 21 0.83 -0.24 -6.44
C SER B 21 -0.41 -1.12 -6.29
N LEU B 22 -1.15 -0.93 -5.20
CA LEU B 22 -2.38 -1.68 -4.97
C LEU B 22 -3.43 -1.35 -6.03
N LEU B 23 -3.57 -0.07 -6.38
CA LEU B 23 -4.48 0.31 -7.45
C LEU B 23 -4.09 -0.35 -8.77
N LYS B 24 -2.79 -0.46 -9.04
CA LYS B 24 -2.36 -1.07 -10.31
C LYS B 24 -2.75 -2.53 -10.38
N VAL B 25 -2.52 -3.30 -9.31
CA VAL B 25 -2.85 -4.73 -9.36
C VAL B 25 -4.34 -4.93 -9.57
N HIS B 26 -5.18 -4.14 -8.88
CA HIS B 26 -6.63 -4.31 -9.01
C HIS B 26 -7.13 -3.94 -10.40
N LEU B 27 -6.62 -2.83 -10.97
CA LEU B 27 -7.10 -2.38 -12.27
C LEU B 27 -6.67 -3.34 -13.38
N GLN B 28 -5.45 -3.89 -13.29
CA GLN B 28 -5.02 -4.90 -14.26
C GLN B 28 -5.88 -6.15 -14.15
N LEU B 29 -6.28 -6.51 -12.93
CA LEU B 29 -7.18 -7.65 -12.75
C LEU B 29 -8.48 -7.47 -13.52
N HIS B 30 -8.94 -6.23 -13.63
CA HIS B 30 -10.18 -5.95 -14.34
C HIS B 30 -9.95 -5.57 -15.81
N GLY B 31 -8.75 -5.81 -16.33
CA GLY B 31 -8.49 -5.70 -17.75
C GLY B 31 -7.94 -4.39 -18.26
N PHE B 32 -7.60 -3.45 -17.39
CA PHE B 32 -7.02 -2.18 -17.82
C PHE B 32 -5.52 -2.31 -17.99
N SER B 33 -4.98 -1.64 -18.99
N SER B 33 -4.98 -1.62 -18.98
CA SER B 33 -3.53 -1.49 -19.11
CA SER B 33 -3.53 -1.48 -19.13
C SER B 33 -3.13 -0.25 -18.33
C SER B 33 -3.10 -0.24 -18.35
N VAL B 34 -2.22 -0.43 -17.37
CA VAL B 34 -1.88 0.62 -16.41
C VAL B 34 -0.41 1.00 -16.55
N PHE B 35 -0.13 2.30 -16.56
CA PHE B 35 1.22 2.85 -16.43
C PHE B 35 1.48 3.24 -14.97
N ILE B 36 2.56 2.72 -14.40
CA ILE B 36 3.17 3.27 -13.19
C ILE B 36 4.67 3.32 -13.43
N ASP B 37 5.34 4.37 -12.93
CA ASP B 37 6.68 4.71 -13.39
C ASP B 37 7.68 3.55 -13.21
N VAL B 38 7.72 2.96 -12.01
CA VAL B 38 8.75 1.96 -11.69
C VAL B 38 8.61 0.67 -12.49
N GLU B 39 7.51 0.47 -13.19
CA GLU B 39 7.35 -0.73 -13.99
C GLU B 39 7.27 -0.48 -15.49
N LYS B 40 6.83 0.69 -15.94
CA LYS B 40 6.54 0.89 -17.36
C LYS B 40 7.29 2.06 -18.01
N LEU B 41 8.00 2.90 -17.25
CA LEU B 41 8.88 3.89 -17.85
C LEU B 41 10.16 3.19 -18.32
N GLU B 42 10.44 3.22 -19.61
CA GLU B 42 11.56 2.47 -20.14
C GLU B 42 12.67 3.41 -20.64
N ALA B 43 13.40 3.00 -21.67
CA ALA B 43 14.65 3.67 -22.05
C ALA B 43 14.36 5.04 -22.69
N GLY B 44 15.34 5.93 -22.59
CA GLY B 44 15.29 7.24 -23.22
C GLY B 44 15.12 8.36 -22.21
N LYS B 45 14.91 9.57 -22.74
CA LYS B 45 14.78 10.75 -21.89
C LYS B 45 13.45 10.72 -21.15
N PHE B 46 13.52 10.70 -19.82
CA PHE B 46 12.32 10.42 -19.03
C PHE B 46 11.32 11.58 -19.07
N GLU B 47 11.79 12.81 -19.30
CA GLU B 47 10.84 13.91 -19.34
C GLU B 47 9.94 13.83 -20.58
N ASP B 48 10.50 13.47 -21.73
CA ASP B 48 9.65 13.24 -22.90
C ASP B 48 8.75 12.03 -22.67
N LYS B 49 9.33 10.94 -22.17
CA LYS B 49 8.58 9.69 -22.05
C LYS B 49 7.46 9.81 -21.01
N LEU B 50 7.72 10.48 -19.88
CA LEU B 50 6.68 10.60 -18.86
C LEU B 50 5.50 11.41 -19.40
N ILE B 51 5.78 12.51 -20.11
CA ILE B 51 4.69 13.35 -20.60
C ILE B 51 3.90 12.60 -21.65
N GLN B 52 4.57 11.84 -22.52
CA GLN B 52 3.89 11.10 -23.57
C GLN B 52 2.99 10.01 -23.00
N SER B 53 3.37 9.45 -21.85
CA SER B 53 2.56 8.41 -21.23
C SER B 53 1.28 8.97 -20.63
N VAL B 54 1.35 10.18 -20.06
CA VAL B 54 0.12 10.87 -19.64
C VAL B 54 -0.80 11.10 -20.84
N MET B 55 -0.25 11.62 -21.94
CA MET B 55 -1.06 11.94 -23.10
C MET B 55 -1.71 10.70 -23.70
N GLY B 56 -1.04 9.54 -23.61
CA GLY B 56 -1.58 8.34 -24.20
C GLY B 56 -2.75 7.74 -23.45
N ALA B 57 -2.83 7.99 -22.14
CA ALA B 57 -3.82 7.32 -21.30
C ALA B 57 -5.11 8.14 -21.21
N ARG B 58 -6.24 7.49 -21.43
CA ARG B 58 -7.52 8.19 -21.32
C ARG B 58 -7.80 8.61 -19.87
N ASN B 59 -7.43 7.77 -18.92
CA ASN B 59 -7.71 8.00 -17.51
C ASN B 59 -6.43 8.41 -16.77
N PHE B 60 -6.56 9.39 -15.87
CA PHE B 60 -5.48 9.88 -15.03
C PHE B 60 -5.89 9.71 -13.57
N VAL B 61 -5.33 8.70 -12.90
CA VAL B 61 -5.65 8.39 -11.50
C VAL B 61 -4.59 9.05 -10.61
N LEU B 62 -5.03 9.93 -9.72
CA LEU B 62 -4.13 10.76 -8.91
C LEU B 62 -4.26 10.35 -7.44
N VAL B 63 -3.16 9.86 -6.87
CA VAL B 63 -3.16 9.34 -5.51
C VAL B 63 -2.88 10.49 -4.54
N LEU B 64 -3.92 10.94 -3.82
CA LEU B 64 -3.81 12.07 -2.90
C LEU B 64 -3.65 11.55 -1.47
N SER B 65 -2.42 11.10 -1.18
CA SER B 65 -1.97 10.74 0.16
C SER B 65 -1.74 12.02 0.97
N PRO B 66 -1.46 11.91 2.28
CA PRO B 66 -1.26 13.14 3.08
C PRO B 66 -0.10 13.98 2.55
N GLY B 67 -0.39 15.26 2.32
CA GLY B 67 0.60 16.21 1.83
C GLY B 67 1.09 16.00 0.41
N ALA B 68 0.33 15.28 -0.43
CA ALA B 68 0.87 14.90 -1.73
C ALA B 68 1.04 16.08 -2.67
N LEU B 69 0.39 17.22 -2.42
CA LEU B 69 0.57 18.39 -3.27
C LEU B 69 1.53 19.42 -2.68
N ASP B 70 2.16 19.11 -1.55
CA ASP B 70 3.04 20.08 -0.88
C ASP B 70 4.19 20.52 -1.78
N LYS B 71 4.85 19.57 -2.43
CA LYS B 71 5.99 19.92 -3.26
C LYS B 71 5.59 20.68 -4.53
N CYS B 72 4.29 20.74 -4.83
CA CYS B 72 3.79 21.56 -5.92
C CYS B 72 3.76 23.04 -5.55
N MET B 73 3.60 23.33 -4.25
CA MET B 73 3.43 24.71 -3.82
C MET B 73 4.72 25.51 -4.03
N GLN B 74 4.56 26.72 -4.52
CA GLN B 74 5.64 27.61 -4.94
C GLN B 74 6.51 27.04 -6.06
N ASP B 75 6.05 26.00 -6.77
CA ASP B 75 6.78 25.44 -7.92
C ASP B 75 6.39 26.17 -9.21
N HIS B 76 6.80 27.45 -9.27
CA HIS B 76 6.38 28.29 -10.39
C HIS B 76 7.00 27.86 -11.71
N ASP B 77 8.23 27.35 -11.68
CA ASP B 77 8.92 26.91 -12.90
C ASP B 77 8.55 25.50 -13.32
N CYS B 78 7.62 24.85 -12.62
CA CYS B 78 7.12 23.53 -13.00
C CYS B 78 8.24 22.49 -13.01
N LYS B 79 9.03 22.49 -11.93
CA LYS B 79 10.06 21.49 -11.73
C LYS B 79 9.54 20.21 -11.11
N ASP B 80 8.43 20.27 -10.37
CA ASP B 80 7.94 19.11 -9.64
C ASP B 80 7.20 18.16 -10.59
N TRP B 81 7.43 16.85 -10.42
CA TRP B 81 6.92 15.89 -11.39
C TRP B 81 5.43 15.65 -11.23
N VAL B 82 4.91 15.62 -10.00
CA VAL B 82 3.47 15.53 -9.84
C VAL B 82 2.80 16.77 -10.42
N HIS B 83 3.39 17.94 -10.19
CA HIS B 83 2.92 19.16 -10.82
C HIS B 83 2.88 19.00 -12.34
N LYS B 84 3.97 18.48 -12.91
CA LYS B 84 4.05 18.34 -14.37
C LYS B 84 2.97 17.40 -14.90
N GLU B 85 2.81 16.24 -14.25
CA GLU B 85 1.83 15.27 -14.74
C GLU B 85 0.41 15.81 -14.63
N ILE B 86 0.10 16.54 -13.55
CA ILE B 86 -1.23 17.13 -13.39
C ILE B 86 -1.49 18.18 -14.48
N VAL B 87 -0.52 19.05 -14.76
CA VAL B 87 -0.73 20.06 -15.79
C VAL B 87 -1.01 19.41 -17.13
N THR B 88 -0.23 18.37 -17.47
CA THR B 88 -0.46 17.65 -18.73
C THR B 88 -1.87 17.06 -18.78
N ALA B 89 -2.29 16.39 -17.71
CA ALA B 89 -3.63 15.77 -17.70
C ALA B 89 -4.72 16.84 -17.85
N LEU B 90 -4.56 17.98 -17.20
CA LEU B 90 -5.56 19.03 -17.33
C LEU B 90 -5.59 19.59 -18.75
N SER B 91 -4.41 19.89 -19.32
N SER B 91 -4.41 19.89 -19.32
CA SER B 91 -4.34 20.51 -20.64
CA SER B 91 -4.35 20.51 -20.64
C SER B 91 -4.89 19.58 -21.71
C SER B 91 -4.88 19.58 -21.73
N CYS B 92 -4.77 18.26 -21.54
CA CYS B 92 -5.28 17.29 -22.49
C CYS B 92 -6.75 16.93 -22.25
N GLY B 93 -7.39 17.46 -21.22
CA GLY B 93 -8.77 17.10 -20.94
C GLY B 93 -8.98 15.66 -20.53
N LYS B 94 -8.04 15.07 -19.80
CA LYS B 94 -8.16 13.67 -19.38
C LYS B 94 -9.29 13.48 -18.37
N ASN B 95 -9.74 12.22 -18.26
CA ASN B 95 -10.64 11.78 -17.19
C ASN B 95 -9.82 11.67 -15.90
N ILE B 96 -9.85 12.73 -15.10
CA ILE B 96 -9.05 12.80 -13.87
C ILE B 96 -9.88 12.26 -12.71
N VAL B 97 -9.33 11.29 -11.99
CA VAL B 97 -9.99 10.58 -10.89
C VAL B 97 -9.08 10.63 -9.66
N PRO B 98 -9.24 11.61 -8.78
CA PRO B 98 -8.42 11.65 -7.56
C PRO B 98 -8.85 10.58 -6.57
N ILE B 99 -7.87 10.02 -5.84
CA ILE B 99 -8.12 9.04 -4.78
C ILE B 99 -7.67 9.66 -3.47
N ILE B 100 -8.60 9.80 -2.53
CA ILE B 100 -8.38 10.55 -1.29
C ILE B 100 -8.01 9.58 -0.17
N ASP B 101 -6.79 9.72 0.35
CA ASP B 101 -6.28 8.84 1.41
C ASP B 101 -5.65 9.71 2.50
N GLY B 102 -6.50 10.32 3.33
CA GLY B 102 -6.03 11.21 4.38
C GLY B 102 -5.60 12.58 3.91
N PHE B 103 -5.96 12.96 2.70
CA PHE B 103 -5.58 14.26 2.15
C PHE B 103 -6.40 15.37 2.80
N GLU B 104 -5.72 16.47 3.15
CA GLU B 104 -6.39 17.69 3.59
C GLU B 104 -6.56 18.62 2.40
N TRP B 105 -7.78 19.13 2.19
CA TRP B 105 -8.03 19.96 1.02
C TRP B 105 -7.45 21.36 1.22
N PRO B 106 -6.49 21.78 0.41
CA PRO B 106 -5.95 23.14 0.55
C PRO B 106 -6.83 24.17 -0.14
N GLU B 107 -6.65 25.43 0.26
CA GLU B 107 -7.20 26.53 -0.51
C GLU B 107 -6.53 26.55 -1.88
N PRO B 108 -7.28 26.72 -2.96
CA PRO B 108 -6.67 26.63 -4.31
C PRO B 108 -5.53 27.61 -4.52
N GLN B 109 -5.54 28.76 -3.85
CA GLN B 109 -4.54 29.80 -4.13
C GLN B 109 -3.17 29.52 -3.54
N VAL B 110 -3.00 28.46 -2.75
CA VAL B 110 -1.64 28.04 -2.39
C VAL B 110 -0.99 27.19 -3.47
N LEU B 111 -1.73 26.87 -4.55
CA LEU B 111 -1.24 26.03 -5.62
C LEU B 111 -0.98 26.86 -6.88
N PRO B 112 -0.02 26.46 -7.71
CA PRO B 112 0.24 27.22 -8.93
C PRO B 112 -1.02 27.31 -9.78
N GLU B 113 -1.17 28.45 -10.44
CA GLU B 113 -2.39 28.74 -11.20
C GLU B 113 -2.69 27.65 -12.23
N ASP B 114 -1.66 27.09 -12.87
CA ASP B 114 -1.91 26.14 -13.96
C ASP B 114 -2.37 24.78 -13.50
N MET B 115 -2.48 24.52 -12.19
CA MET B 115 -3.00 23.24 -11.72
C MET B 115 -4.12 23.38 -10.70
N GLN B 116 -4.60 24.61 -10.42
CA GLN B 116 -5.67 24.79 -9.43
C GLN B 116 -6.94 24.05 -9.82
N ALA B 117 -7.17 23.85 -11.12
CA ALA B 117 -8.38 23.19 -11.57
C ALA B 117 -8.42 21.70 -11.22
N VAL B 118 -7.31 21.10 -10.77
CA VAL B 118 -7.36 19.71 -10.32
C VAL B 118 -8.28 19.55 -9.11
N LEU B 119 -8.49 20.59 -8.32
CA LEU B 119 -9.39 20.47 -7.17
C LEU B 119 -10.87 20.49 -7.56
N THR B 120 -11.20 20.70 -8.83
CA THR B 120 -12.59 20.74 -9.27
C THR B 120 -13.13 19.38 -9.71
N PHE B 121 -12.32 18.31 -9.64
CA PHE B 121 -12.76 16.98 -10.07
C PHE B 121 -13.23 16.15 -8.87
N ASN B 122 -14.30 15.37 -9.07
CA ASN B 122 -14.86 14.57 -7.97
C ASN B 122 -13.89 13.46 -7.56
N GLY B 123 -13.59 13.37 -6.26
CA GLY B 123 -12.67 12.37 -5.76
C GLY B 123 -13.36 11.18 -5.12
N ILE B 124 -12.62 10.08 -4.98
CA ILE B 124 -13.13 8.86 -4.35
C ILE B 124 -12.37 8.64 -3.04
N LYS B 125 -13.12 8.46 -1.96
CA LYS B 125 -12.53 8.24 -0.64
C LYS B 125 -12.02 6.80 -0.50
N TRP B 126 -10.75 6.64 -0.17
CA TRP B 126 -10.17 5.32 0.05
C TRP B 126 -10.57 4.79 1.41
N SER B 127 -11.19 3.61 1.45
CA SER B 127 -11.63 2.99 2.72
C SER B 127 -10.89 1.69 2.97
N HIS B 128 -10.07 1.66 4.03
CA HIS B 128 -9.34 0.44 4.38
C HIS B 128 -10.30 -0.70 4.71
N GLU B 129 -11.42 -0.39 5.38
CA GLU B 129 -12.40 -1.41 5.75
C GLU B 129 -13.19 -1.92 4.55
N TYR B 130 -13.49 -1.03 3.58
CA TYR B 130 -14.34 -1.39 2.44
C TYR B 130 -13.57 -1.21 1.14
N GLN B 131 -12.44 -1.92 1.02
CA GLN B 131 -11.56 -1.79 -0.14
C GLN B 131 -12.19 -2.33 -1.41
N GLU B 132 -12.87 -3.49 -1.33
CA GLU B 132 -13.49 -4.02 -2.54
C GLU B 132 -14.52 -3.03 -3.10
N ALA B 133 -15.32 -2.43 -2.21
CA ALA B 133 -16.30 -1.45 -2.68
C ALA B 133 -15.64 -0.18 -3.20
N THR B 134 -14.47 0.18 -2.67
CA THR B 134 -13.74 1.33 -3.20
C THR B 134 -13.26 1.04 -4.63
N ILE B 135 -12.69 -0.15 -4.83
CA ILE B 135 -12.22 -0.53 -6.17
C ILE B 135 -13.37 -0.57 -7.16
N GLU B 136 -14.52 -1.10 -6.74
CA GLU B 136 -15.64 -1.14 -7.68
C GLU B 136 -16.10 0.26 -8.08
N LYS B 137 -15.99 1.24 -7.17
CA LYS B 137 -16.35 2.60 -7.54
C LYS B 137 -15.35 3.21 -8.51
N ILE B 138 -14.05 2.98 -8.26
CA ILE B 138 -13.01 3.46 -9.16
C ILE B 138 -13.24 2.92 -10.56
N ILE B 139 -13.53 1.62 -10.69
CA ILE B 139 -13.79 1.05 -12.01
C ILE B 139 -15.00 1.71 -12.67
N ARG B 140 -16.03 2.05 -11.87
CA ARG B 140 -17.18 2.77 -12.43
C ARG B 140 -16.80 4.15 -12.94
N PHE B 141 -15.81 4.82 -12.32
CA PHE B 141 -15.37 6.14 -12.79
C PHE B 141 -14.52 6.07 -14.06
N LEU B 142 -13.90 4.93 -14.34
CA LEU B 142 -12.97 4.81 -15.46
C LEU B 142 -13.70 4.70 -16.79
N GLN B 143 -13.08 5.23 -17.84
CA GLN B 143 -13.65 5.17 -19.18
C GLN B 143 -12.91 4.16 -20.05
#